data_1JHN
#
_entry.id   1JHN
#
_cell.length_a   85.772
_cell.length_b   85.772
_cell.length_c   143.476
_cell.angle_alpha   90
_cell.angle_beta   90
_cell.angle_gamma   90
#
_symmetry.space_group_name_H-M   'P 43 21 2'
#
loop_
_entity.id
_entity.type
_entity.pdbx_description
1 polymer calnexin
2 non-polymer 'CALCIUM ION'
#
_entity_poly.entity_id   1
_entity_poly.type   'polypeptide(L)'
_entity_poly.pdbx_seq_one_letter_code
;SKSKPDTSAPTSPKVTYKAPVPSGEVYFADSFDRGTLSGWILSKAKKDDTDDEIAKYDGKWEVDEMKETKLPGDKGLVLM
SRAKHHAISAKLNKPFLFDTKPLIVQYEVNFQNGIECGGAYVKLLSKTPELNLDQFHDKTPYTIMFGPDKCGEDYKLHFI
FRHKNPKTGVYEEKHAKRPDADLKTYFTDKKTHLYTLILNPDNSFEILVDQSIVNSGNLLNDMTPPVNPSREIEDPEDQK
PEDWDERPKIPDPDAVKPDDWNEDAPAKIPDEEATKPDGWLDDEPEYVPDPDAEKPEDWDEDMDGEWEAPQIANPKCESA
PGCGVWQRPMIDNPNYKGKWKPPMIDNPNYQGIWKPRKIPNPDFFEDLEPFKMTPFSAIGLELWSMTSDIFFDNFIVCGD
RRVVDDWANDGWGLKKAADGAAEP
;
_entity_poly.pdbx_strand_id   A
#
# COMPACT_ATOMS: atom_id res chain seq x y z
N TYR A 17 26.23 -4.51 28.91
CA TYR A 17 25.35 -5.09 29.97
C TYR A 17 24.28 -5.96 29.33
N LYS A 18 23.25 -6.31 30.10
CA LYS A 18 22.12 -7.13 29.66
C LYS A 18 21.38 -7.74 30.85
N ALA A 19 20.16 -8.21 30.64
CA ALA A 19 19.37 -8.83 31.70
C ALA A 19 17.96 -9.32 31.29
N PRO A 20 16.98 -8.40 31.17
CA PRO A 20 15.59 -8.71 30.81
C PRO A 20 15.05 -10.14 31.00
N VAL A 21 14.32 -10.32 32.10
CA VAL A 21 13.70 -11.59 32.46
C VAL A 21 12.21 -11.36 32.79
N PRO A 22 11.36 -12.33 32.44
CA PRO A 22 9.91 -12.25 32.67
C PRO A 22 9.51 -11.81 34.07
N SER A 23 8.40 -11.09 34.15
CA SER A 23 7.87 -10.61 35.41
C SER A 23 6.66 -11.46 35.82
N GLY A 24 5.55 -11.32 35.09
CA GLY A 24 4.35 -12.08 35.42
C GLY A 24 3.74 -12.92 34.30
N GLU A 25 3.38 -14.17 34.63
CA GLU A 25 2.78 -15.09 33.66
C GLU A 25 3.65 -15.07 32.40
N VAL A 26 3.09 -15.41 31.25
CA VAL A 26 3.88 -15.38 30.03
C VAL A 26 3.06 -15.17 28.77
N TYR A 27 2.27 -16.18 28.41
CA TYR A 27 1.44 -16.18 27.20
C TYR A 27 2.35 -16.32 25.99
N PHE A 28 3.44 -15.56 26.03
CA PHE A 28 4.49 -15.61 25.03
C PHE A 28 5.39 -14.43 25.16
N ALA A 29 6.66 -14.73 25.19
CA ALA A 29 7.71 -13.75 25.27
C ALA A 29 8.90 -14.50 24.76
N ASP A 30 9.79 -13.81 24.08
CA ASP A 30 10.98 -14.43 23.55
C ASP A 30 11.97 -13.33 23.33
N SER A 31 13.18 -13.52 23.85
CA SER A 31 14.22 -12.51 23.77
C SER A 31 15.40 -12.94 22.92
N PHE A 32 15.41 -14.20 22.51
CA PHE A 32 16.49 -14.74 21.72
C PHE A 32 17.81 -14.60 22.45
N ASP A 33 17.68 -14.48 23.78
CA ASP A 33 18.83 -14.36 24.66
C ASP A 33 19.52 -15.70 24.65
N ARG A 34 18.74 -16.78 24.48
CA ARG A 34 19.34 -18.10 24.41
C ARG A 34 20.42 -18.00 23.32
N GLY A 35 20.07 -17.38 22.19
CA GLY A 35 21.02 -17.21 21.11
C GLY A 35 20.61 -17.93 19.85
N THR A 36 19.56 -18.75 19.91
CA THR A 36 19.14 -19.43 18.69
C THR A 36 17.68 -19.17 18.34
N LEU A 37 17.32 -19.31 17.08
CA LEU A 37 15.94 -19.11 16.68
C LEU A 37 15.25 -20.40 17.09
N SER A 38 15.79 -20.98 18.15
CA SER A 38 15.29 -22.24 18.69
C SER A 38 13.84 -22.03 18.99
N GLY A 39 12.98 -22.77 18.30
CA GLY A 39 11.56 -22.66 18.55
C GLY A 39 10.76 -21.83 17.56
N TRP A 40 11.08 -21.94 16.27
CA TRP A 40 10.37 -21.19 15.26
C TRP A 40 10.23 -22.11 14.05
N ILE A 41 9.19 -21.92 13.25
CA ILE A 41 8.91 -22.83 12.14
C ILE A 41 8.84 -22.29 10.72
N LEU A 42 9.89 -22.43 9.91
CA LEU A 42 9.82 -21.95 8.53
C LEU A 42 8.63 -22.58 7.76
N SER A 43 7.92 -21.79 6.98
CA SER A 43 6.79 -22.34 6.25
C SER A 43 7.29 -23.32 5.23
N LYS A 44 6.36 -23.96 4.55
CA LYS A 44 6.67 -24.93 3.52
C LYS A 44 5.60 -24.87 2.45
N ALA A 45 4.61 -24.03 2.67
CA ALA A 45 3.50 -23.89 1.73
C ALA A 45 3.80 -23.87 0.22
N LYS A 46 3.94 -22.66 -0.34
CA LYS A 46 4.23 -22.43 -1.76
C LYS A 46 3.39 -23.31 -2.72
N ASP A 58 11.18 -19.35 1.35
CA ASP A 58 12.13 -18.59 0.47
C ASP A 58 13.30 -17.95 1.19
N GLY A 59 13.18 -16.66 1.53
CA GLY A 59 14.25 -15.97 2.23
C GLY A 59 14.41 -16.70 3.53
N LYS A 60 15.54 -16.52 4.22
CA LYS A 60 15.74 -17.23 5.48
C LYS A 60 15.92 -16.24 6.61
N TRP A 61 16.25 -16.75 7.80
CA TRP A 61 16.43 -15.92 9.00
C TRP A 61 17.64 -16.31 9.85
N GLU A 62 18.15 -15.39 10.68
CA GLU A 62 19.28 -15.67 11.58
C GLU A 62 19.05 -14.92 12.88
N VAL A 63 19.88 -15.16 13.89
CA VAL A 63 19.70 -14.47 15.17
C VAL A 63 20.98 -13.80 15.68
N ASP A 64 21.61 -12.92 14.89
CA ASP A 64 22.81 -12.30 15.42
C ASP A 64 22.55 -10.93 16.04
N GLU A 65 23.62 -10.34 16.55
CA GLU A 65 23.59 -9.03 17.18
C GLU A 65 23.13 -8.01 16.15
N MET A 66 22.87 -6.79 16.60
CA MET A 66 22.45 -5.72 15.70
C MET A 66 23.68 -5.34 14.86
N LYS A 67 23.45 -4.88 13.63
CA LYS A 67 24.58 -4.46 12.81
C LYS A 67 25.19 -3.38 13.67
N GLU A 68 26.52 -3.25 13.67
CA GLU A 68 27.17 -2.25 14.50
C GLU A 68 26.35 -2.07 15.80
N THR A 69 26.31 -3.12 16.62
CA THR A 69 25.55 -3.11 17.86
C THR A 69 25.85 -1.94 18.76
N LYS A 70 25.53 -2.13 20.03
CA LYS A 70 25.73 -1.15 21.10
C LYS A 70 25.25 -1.88 22.36
N LEU A 71 25.04 -3.19 22.19
CA LEU A 71 24.59 -4.08 23.24
C LEU A 71 25.18 -5.44 22.90
N PRO A 72 26.33 -5.78 23.50
CA PRO A 72 27.01 -7.05 23.28
C PRO A 72 26.24 -8.21 23.91
N GLY A 73 25.22 -8.69 23.21
CA GLY A 73 24.44 -9.79 23.75
C GLY A 73 23.04 -9.86 23.19
N ASP A 74 22.48 -8.74 22.77
CA ASP A 74 21.12 -8.77 22.23
C ASP A 74 21.09 -8.98 20.73
N LYS A 75 20.86 -10.23 20.38
CA LYS A 75 20.75 -10.67 19.02
C LYS A 75 19.25 -10.93 18.89
N GLY A 76 18.77 -10.82 17.67
CA GLY A 76 17.36 -11.06 17.45
C GLY A 76 17.13 -11.78 16.14
N LEU A 77 15.90 -12.23 15.96
CA LEU A 77 15.53 -12.92 14.75
C LEU A 77 15.59 -11.83 13.70
N VAL A 78 16.31 -12.07 12.62
CA VAL A 78 16.41 -11.05 11.60
C VAL A 78 16.15 -11.59 10.22
N LEU A 79 15.35 -10.87 9.44
CA LEU A 79 15.07 -11.29 8.08
C LEU A 79 16.36 -11.02 7.36
N MET A 80 16.52 -11.55 6.15
CA MET A 80 17.74 -11.34 5.36
C MET A 80 17.60 -11.86 3.94
N SER A 81 17.01 -11.08 3.05
CA SER A 81 16.82 -11.51 1.67
C SER A 81 16.28 -10.42 0.76
N ARG A 82 15.27 -10.80 -0.03
CA ARG A 82 14.59 -9.90 -0.94
C ARG A 82 13.58 -10.81 -1.63
N ALA A 83 13.69 -12.10 -1.30
CA ALA A 83 12.83 -13.11 -1.87
C ALA A 83 11.37 -13.07 -1.41
N LYS A 84 11.16 -13.30 -0.10
CA LYS A 84 9.83 -13.35 0.50
C LYS A 84 9.96 -14.20 1.74
N HIS A 85 10.25 -13.57 2.88
CA HIS A 85 10.40 -14.33 4.11
C HIS A 85 9.09 -14.97 4.57
N HIS A 86 8.18 -15.18 3.62
CA HIS A 86 6.88 -15.81 3.88
C HIS A 86 7.08 -17.08 4.72
N ALA A 87 7.26 -16.91 6.03
CA ALA A 87 7.48 -18.07 6.88
C ALA A 87 7.58 -17.70 8.33
N ILE A 88 8.32 -18.54 9.06
CA ILE A 88 8.51 -18.36 10.48
C ILE A 88 7.24 -18.06 11.29
N SER A 89 7.20 -18.62 12.48
CA SER A 89 6.08 -18.46 13.39
C SER A 89 6.47 -19.30 14.59
N ALA A 90 5.58 -19.38 15.56
CA ALA A 90 5.85 -20.13 16.77
C ALA A 90 4.56 -20.32 17.57
N LYS A 91 4.39 -21.46 18.19
CA LYS A 91 3.20 -21.68 18.98
C LYS A 91 3.29 -20.95 20.32
N LEU A 92 2.18 -20.37 20.75
CA LEU A 92 2.17 -19.65 22.02
C LEU A 92 2.50 -20.63 23.14
N ASN A 93 2.38 -20.19 24.38
CA ASN A 93 2.62 -21.13 25.45
C ASN A 93 1.25 -21.63 25.86
N LYS A 94 0.22 -20.82 25.62
CA LYS A 94 -1.14 -21.20 25.98
C LYS A 94 -2.15 -20.36 25.20
N PRO A 95 -3.08 -21.03 24.53
CA PRO A 95 -4.10 -20.36 23.74
C PRO A 95 -4.58 -19.08 24.40
N PHE A 96 -4.49 -17.96 23.70
CA PHE A 96 -4.95 -16.74 24.32
C PHE A 96 -6.42 -16.54 24.00
N LEU A 97 -7.26 -16.66 25.02
CA LEU A 97 -8.70 -16.50 24.86
C LEU A 97 -9.15 -15.08 25.20
N PHE A 98 -10.15 -14.59 24.49
CA PHE A 98 -10.66 -13.24 24.70
C PHE A 98 -11.82 -13.07 25.67
N ASP A 99 -11.55 -13.20 26.98
CA ASP A 99 -12.63 -13.07 27.97
C ASP A 99 -12.38 -12.09 29.11
N THR A 100 -11.89 -12.60 30.23
CA THR A 100 -11.64 -11.78 31.42
C THR A 100 -10.19 -11.33 31.58
N LYS A 101 -9.61 -10.80 30.50
CA LYS A 101 -8.25 -10.32 30.49
C LYS A 101 -8.06 -9.63 29.16
N PRO A 102 -7.45 -8.44 29.15
CA PRO A 102 -7.26 -7.75 27.87
C PRO A 102 -6.06 -8.33 27.14
N LEU A 103 -5.86 -7.92 25.89
CA LEU A 103 -4.76 -8.41 25.08
C LEU A 103 -3.66 -7.40 24.98
N ILE A 104 -2.43 -7.87 25.11
CA ILE A 104 -1.26 -7.02 25.02
C ILE A 104 -0.17 -7.74 24.28
N VAL A 105 0.24 -7.18 23.15
CA VAL A 105 1.31 -7.77 22.36
C VAL A 105 2.23 -6.63 22.04
N GLN A 106 3.52 -6.92 21.98
CA GLN A 106 4.47 -5.89 21.66
C GLN A 106 5.82 -6.44 21.25
N TYR A 107 6.34 -5.91 20.16
CA TYR A 107 7.65 -6.33 19.70
C TYR A 107 8.37 -5.13 19.15
N GLU A 108 9.58 -5.34 18.68
CA GLU A 108 10.39 -4.27 18.15
C GLU A 108 10.96 -4.68 16.81
N VAL A 109 11.10 -3.70 15.92
CA VAL A 109 11.63 -3.95 14.61
C VAL A 109 12.60 -2.81 14.34
N ASN A 110 13.35 -2.88 13.25
CA ASN A 110 14.33 -1.83 12.92
C ASN A 110 14.99 -2.02 11.56
N PHE A 111 14.27 -1.64 10.51
CA PHE A 111 14.78 -1.76 9.15
C PHE A 111 16.17 -1.14 9.06
N GLN A 112 17.16 -1.94 9.45
CA GLN A 112 18.57 -1.55 9.41
C GLN A 112 18.98 -0.92 8.07
N ASN A 113 18.38 -1.37 6.98
CA ASN A 113 18.68 -0.83 5.67
C ASN A 113 17.52 0.00 5.21
N GLY A 114 16.67 0.44 6.13
CA GLY A 114 15.52 1.23 5.77
C GLY A 114 14.67 0.56 4.71
N ILE A 115 13.35 0.62 4.86
CA ILE A 115 12.47 -0.03 3.90
C ILE A 115 11.99 0.78 2.71
N GLU A 116 12.22 0.24 1.52
CA GLU A 116 11.76 0.88 0.29
C GLU A 116 10.25 0.67 0.30
N CYS A 117 9.90 -0.62 0.29
CA CYS A 117 8.53 -1.08 0.30
C CYS A 117 8.48 -2.49 0.85
N GLY A 118 7.95 -2.62 2.07
CA GLY A 118 7.86 -3.93 2.68
C GLY A 118 7.01 -3.84 3.90
N GLY A 119 6.94 -4.94 4.64
CA GLY A 119 6.16 -4.97 5.87
C GLY A 119 6.87 -5.76 6.93
N ALA A 120 6.69 -5.42 8.20
CA ALA A 120 7.34 -6.15 9.28
C ALA A 120 6.38 -6.15 10.44
N TYR A 121 5.15 -6.52 10.13
CA TYR A 121 4.08 -6.61 11.11
C TYR A 121 3.95 -8.05 11.53
N VAL A 122 3.32 -8.27 12.66
CA VAL A 122 3.14 -9.59 13.20
C VAL A 122 1.74 -10.07 12.84
N LYS A 123 1.53 -11.38 12.89
CA LYS A 123 0.25 -11.99 12.58
C LYS A 123 -0.10 -13.02 13.66
N LEU A 124 -1.24 -12.85 14.32
CA LEU A 124 -1.61 -13.75 15.38
C LEU A 124 -2.47 -14.91 14.93
N LEU A 125 -1.79 -15.96 14.48
CA LEU A 125 -2.41 -17.16 13.96
C LEU A 125 -3.51 -17.63 14.86
N SER A 126 -4.73 -17.74 14.34
CA SER A 126 -5.87 -18.17 15.14
C SER A 126 -5.72 -19.57 15.65
N LYS A 127 -6.62 -19.97 16.54
CA LYS A 127 -6.59 -21.29 17.15
C LYS A 127 -7.35 -22.17 16.25
N THR A 128 -7.05 -23.46 16.32
CA THR A 128 -7.69 -24.47 15.51
C THR A 128 -7.12 -25.75 16.04
N PRO A 129 -7.79 -26.89 15.80
CA PRO A 129 -7.40 -28.23 16.25
C PRO A 129 -5.93 -28.51 16.06
N GLU A 130 -5.60 -28.90 14.83
CA GLU A 130 -4.23 -29.17 14.46
C GLU A 130 -3.87 -27.95 13.66
N LEU A 131 -2.85 -27.23 14.12
CA LEU A 131 -2.40 -26.00 13.46
C LEU A 131 -1.12 -26.28 12.74
N ASN A 132 -1.24 -26.91 11.59
CA ASN A 132 -0.05 -27.21 10.82
C ASN A 132 0.70 -25.91 10.57
N LEU A 133 1.58 -25.54 11.52
CA LEU A 133 2.35 -24.32 11.36
C LEU A 133 3.12 -24.43 10.06
N ASP A 134 4.08 -25.34 10.02
CA ASP A 134 4.87 -25.58 8.83
C ASP A 134 4.12 -25.24 7.53
N GLN A 135 2.81 -25.40 7.52
CA GLN A 135 2.02 -25.10 6.34
C GLN A 135 1.55 -23.65 6.36
N PHE A 136 2.21 -22.79 7.12
CA PHE A 136 1.82 -21.38 7.23
C PHE A 136 1.51 -20.77 5.87
N HIS A 137 0.32 -21.03 5.41
CA HIS A 137 -0.16 -20.55 4.14
C HIS A 137 -0.33 -19.01 4.21
N ASP A 138 -0.86 -18.40 3.15
CA ASP A 138 -1.04 -16.95 3.12
C ASP A 138 -2.43 -16.60 3.56
N LYS A 139 -3.38 -17.47 3.28
CA LYS A 139 -4.74 -17.21 3.70
C LYS A 139 -5.04 -18.03 4.96
N THR A 140 -3.99 -18.20 5.76
CA THR A 140 -4.10 -18.88 7.02
C THR A 140 -4.91 -17.97 7.91
N PRO A 141 -5.92 -18.52 8.58
CA PRO A 141 -6.72 -17.66 9.43
C PRO A 141 -6.02 -17.20 10.68
N TYR A 142 -6.07 -15.89 10.89
CA TYR A 142 -5.47 -15.31 12.05
C TYR A 142 -6.58 -14.55 12.72
N THR A 143 -6.26 -13.98 13.86
CA THR A 143 -7.24 -13.27 14.63
C THR A 143 -7.01 -11.81 14.52
N ILE A 144 -5.74 -11.42 14.61
CA ILE A 144 -5.32 -10.04 14.57
C ILE A 144 -4.04 -9.88 13.83
N MET A 145 -3.91 -8.76 13.12
CA MET A 145 -2.70 -8.41 12.39
C MET A 145 -2.29 -7.11 13.02
N PHE A 146 -0.99 -6.83 13.08
CA PHE A 146 -0.54 -5.62 13.75
C PHE A 146 0.90 -5.28 13.61
N GLY A 147 1.20 -4.04 13.32
CA GLY A 147 2.59 -3.68 13.19
C GLY A 147 2.90 -2.80 12.01
N PRO A 148 4.16 -2.39 11.86
CA PRO A 148 4.61 -1.52 10.79
C PRO A 148 4.61 -2.15 9.41
N ASP A 149 4.33 -1.31 8.42
CA ASP A 149 4.29 -1.68 7.00
C ASP A 149 4.39 -0.36 6.27
N LYS A 150 5.13 -0.30 5.17
CA LYS A 150 5.26 0.94 4.44
C LYS A 150 5.81 0.70 3.07
N CYS A 151 5.03 0.97 2.06
CA CYS A 151 5.50 0.74 0.71
C CYS A 151 5.57 2.05 -0.02
N GLY A 152 6.73 2.30 -0.63
CA GLY A 152 6.96 3.53 -1.38
C GLY A 152 7.06 4.81 -0.57
N GLU A 153 5.96 5.17 0.11
CA GLU A 153 5.93 6.38 0.90
C GLU A 153 4.60 6.47 1.62
N ASP A 154 4.16 5.34 2.19
CA ASP A 154 2.88 5.27 2.91
C ASP A 154 2.99 5.21 4.43
N TYR A 155 4.06 4.60 4.94
CA TYR A 155 4.29 4.47 6.39
C TYR A 155 3.04 4.14 7.19
N LYS A 156 2.76 2.85 7.32
CA LYS A 156 1.58 2.40 8.03
C LYS A 156 1.91 1.54 9.23
N LEU A 157 1.10 1.66 10.27
CA LEU A 157 1.21 0.86 11.47
C LEU A 157 -0.18 0.27 11.65
N HIS A 158 -0.38 -0.95 11.18
CA HIS A 158 -1.66 -1.62 11.23
C HIS A 158 -2.13 -2.10 12.58
N PHE A 159 -3.36 -2.56 12.55
CA PHE A 159 -4.04 -3.16 13.67
C PHE A 159 -5.35 -3.59 13.11
N ILE A 160 -5.49 -4.87 12.82
CA ILE A 160 -6.74 -5.40 12.27
C ILE A 160 -7.18 -6.62 13.08
N PHE A 161 -8.49 -6.85 13.16
CA PHE A 161 -9.04 -7.98 13.92
C PHE A 161 -10.23 -8.49 13.17
N ARG A 162 -10.05 -9.59 12.45
CA ARG A 162 -11.10 -10.20 11.66
C ARG A 162 -12.27 -10.60 12.53
N HIS A 163 -13.45 -10.13 12.15
CA HIS A 163 -14.69 -10.37 12.86
C HIS A 163 -15.46 -11.43 12.11
N LYS A 164 -16.09 -12.31 12.87
CA LYS A 164 -16.86 -13.39 12.30
C LYS A 164 -18.26 -12.90 11.98
N ASN A 165 -18.61 -12.92 10.71
CA ASN A 165 -19.97 -12.52 10.33
C ASN A 165 -20.82 -13.48 11.11
N PRO A 166 -21.44 -13.00 12.21
CA PRO A 166 -22.28 -13.88 13.01
C PRO A 166 -23.58 -14.31 12.33
N LYS A 167 -23.59 -14.30 11.00
CA LYS A 167 -24.76 -14.70 10.23
C LYS A 167 -24.23 -15.46 9.03
N THR A 168 -23.81 -14.72 8.00
CA THR A 168 -23.26 -15.36 6.80
C THR A 168 -22.20 -16.29 7.33
N GLY A 169 -21.51 -15.83 8.37
CA GLY A 169 -20.44 -16.61 8.99
C GLY A 169 -19.14 -16.26 8.32
N VAL A 170 -19.17 -15.19 7.53
CA VAL A 170 -17.99 -14.72 6.80
C VAL A 170 -17.02 -13.98 7.71
N TYR A 171 -15.74 -14.27 7.54
CA TYR A 171 -14.74 -13.60 8.35
C TYR A 171 -14.40 -12.22 7.78
N GLU A 172 -15.02 -11.18 8.35
CA GLU A 172 -14.80 -9.81 7.90
C GLU A 172 -13.74 -9.03 8.66
N GLU A 173 -12.59 -8.82 8.02
CA GLU A 173 -11.49 -8.11 8.64
C GLU A 173 -11.72 -6.63 8.85
N LYS A 174 -11.99 -6.23 10.07
CA LYS A 174 -12.23 -4.84 10.38
C LYS A 174 -10.94 -4.12 10.74
N HIS A 175 -10.59 -3.11 9.94
CA HIS A 175 -9.39 -2.31 10.19
C HIS A 175 -9.50 -1.30 11.34
N ALA A 176 -8.50 -0.43 11.42
CA ALA A 176 -8.46 0.59 12.44
C ALA A 176 -7.81 1.83 11.81
N LYS A 177 -8.53 2.95 11.86
CA LYS A 177 -8.06 4.21 11.29
C LYS A 177 -6.61 4.49 11.61
N ARG A 178 -5.96 5.22 10.70
CA ARG A 178 -4.56 5.60 10.85
C ARG A 178 -4.33 6.39 12.14
N PRO A 179 -3.07 6.69 12.47
CA PRO A 179 -2.80 7.45 13.69
C PRO A 179 -2.58 8.94 13.38
N ASP A 180 -2.58 9.75 14.43
CA ASP A 180 -2.34 11.18 14.30
C ASP A 180 -0.88 11.31 14.72
N ALA A 181 -0.02 11.40 13.71
CA ALA A 181 1.42 11.51 13.89
C ALA A 181 2.01 10.85 12.66
N ASP A 182 3.00 11.49 12.06
CA ASP A 182 3.63 10.90 10.88
C ASP A 182 4.54 9.82 11.44
N LEU A 183 4.75 8.76 10.67
CA LEU A 183 5.56 7.67 11.13
C LEU A 183 6.93 7.60 10.49
N LYS A 184 7.00 7.89 9.20
CA LYS A 184 8.25 7.86 8.44
C LYS A 184 9.52 7.68 9.29
N THR A 185 9.82 8.68 10.11
CA THR A 185 11.00 8.62 10.95
C THR A 185 11.29 7.23 11.52
N TYR A 186 10.25 6.53 11.98
CA TYR A 186 10.42 5.23 12.56
C TYR A 186 10.93 4.22 11.57
N PHE A 187 10.85 4.51 10.28
CA PHE A 187 11.31 3.55 9.30
C PHE A 187 12.62 3.90 8.65
N THR A 188 13.10 5.12 8.87
CA THR A 188 14.34 5.57 8.23
C THR A 188 15.48 5.83 9.19
N ASP A 189 15.15 6.12 10.43
CA ASP A 189 16.23 6.39 11.35
C ASP A 189 17.02 5.16 11.73
N LYS A 190 17.19 4.24 10.80
CA LYS A 190 17.93 2.99 11.07
C LYS A 190 18.14 2.65 12.57
N LYS A 191 17.23 3.06 13.43
CA LYS A 191 17.32 2.82 14.85
C LYS A 191 16.07 2.07 15.37
N THR A 192 16.32 0.98 16.10
CA THR A 192 15.29 0.12 16.64
C THR A 192 14.15 0.74 17.46
N HIS A 193 12.94 0.68 16.91
CA HIS A 193 11.76 1.21 17.56
C HIS A 193 10.91 0.12 18.17
N LEU A 194 10.04 0.48 19.08
CA LEU A 194 9.20 -0.50 19.74
C LEU A 194 7.72 -0.27 19.46
N TYR A 195 6.96 -1.36 19.35
CA TYR A 195 5.55 -1.27 19.09
C TYR A 195 4.73 -1.97 20.14
N THR A 196 3.74 -1.27 20.68
CA THR A 196 2.90 -1.85 21.69
C THR A 196 1.49 -1.91 21.18
N LEU A 197 0.77 -2.98 21.51
CA LEU A 197 -0.61 -3.13 21.06
C LEU A 197 -1.47 -3.54 22.24
N ILE A 198 -2.46 -2.71 22.54
CA ILE A 198 -3.31 -3.02 23.64
C ILE A 198 -4.76 -2.84 23.28
N LEU A 199 -5.51 -3.92 23.45
CA LEU A 199 -6.93 -3.95 23.15
C LEU A 199 -7.67 -4.37 24.41
N ASN A 200 -8.34 -3.41 25.07
CA ASN A 200 -9.08 -3.69 26.28
C ASN A 200 -10.45 -4.22 25.91
N PRO A 201 -11.03 -5.09 26.75
CA PRO A 201 -12.36 -5.63 26.42
C PRO A 201 -13.35 -4.50 26.15
N ASP A 202 -12.93 -3.28 26.46
CA ASP A 202 -13.71 -2.08 26.27
C ASP A 202 -14.18 -2.05 24.83
N ASN A 203 -13.29 -2.44 23.93
CA ASN A 203 -13.47 -2.47 22.48
C ASN A 203 -12.79 -1.23 21.93
N SER A 204 -11.95 -0.66 22.80
CA SER A 204 -11.15 0.54 22.52
C SER A 204 -9.67 0.20 22.67
N PHE A 205 -8.84 1.03 22.05
CA PHE A 205 -7.40 0.82 22.05
C PHE A 205 -6.56 2.07 21.83
N GLU A 206 -5.28 1.77 21.61
CA GLU A 206 -4.22 2.73 21.37
C GLU A 206 -2.98 1.93 20.97
N ILE A 207 -2.09 2.53 20.21
CA ILE A 207 -0.93 1.81 19.76
C ILE A 207 0.40 2.40 20.18
N LEU A 208 0.63 2.43 21.49
CA LEU A 208 1.87 2.96 22.04
C LEU A 208 3.07 2.43 21.26
N VAL A 209 3.79 3.34 20.60
CA VAL A 209 4.96 3.00 19.81
C VAL A 209 6.11 3.77 20.41
N ASP A 210 7.04 3.07 21.06
CA ASP A 210 8.13 3.78 21.70
C ASP A 210 7.45 4.62 22.78
N GLN A 211 6.70 3.95 23.64
CA GLN A 211 6.02 4.63 24.69
C GLN A 211 4.96 5.62 24.25
N SER A 212 5.13 6.26 23.11
CA SER A 212 4.13 7.26 22.72
C SER A 212 2.91 6.70 22.00
N ILE A 213 1.78 6.68 22.69
CA ILE A 213 0.53 6.19 22.12
C ILE A 213 0.18 7.00 20.87
N VAL A 214 0.64 6.54 19.70
CA VAL A 214 0.43 7.22 18.42
C VAL A 214 -0.93 7.07 17.81
N ASN A 215 -1.73 6.19 18.39
CA ASN A 215 -3.07 5.97 17.87
C ASN A 215 -3.96 5.42 18.95
N SER A 216 -5.27 5.56 18.77
CA SER A 216 -6.23 5.06 19.76
C SER A 216 -7.64 5.03 19.18
N GLY A 217 -8.56 4.31 19.83
CA GLY A 217 -9.93 4.21 19.37
C GLY A 217 -10.82 3.30 20.21
N ASN A 218 -12.00 2.94 19.67
CA ASN A 218 -12.96 2.07 20.37
C ASN A 218 -13.94 1.36 19.43
N PRO A 226 -13.83 -1.03 7.64
CA PRO A 226 -15.28 -0.91 7.97
C PRO A 226 -15.43 -1.17 9.42
N VAL A 227 -16.67 -1.43 9.85
CA VAL A 227 -16.96 -1.72 11.27
C VAL A 227 -18.04 -2.79 11.43
N ASN A 228 -17.75 -3.79 12.27
CA ASN A 228 -18.65 -4.92 12.53
C ASN A 228 -20.17 -4.74 12.25
N PRO A 229 -20.97 -4.24 13.23
CA PRO A 229 -22.39 -4.09 12.88
C PRO A 229 -22.57 -3.21 11.64
N SER A 230 -23.74 -3.26 11.01
CA SER A 230 -24.04 -2.49 9.80
C SER A 230 -25.25 -1.55 9.97
N ARG A 231 -26.04 -1.34 8.90
CA ARG A 231 -27.19 -0.44 8.99
C ARG A 231 -28.33 -0.66 8.00
N GLU A 232 -28.08 -0.39 6.72
CA GLU A 232 -29.13 -0.62 5.72
C GLU A 232 -28.54 -1.12 4.41
N ILE A 233 -28.99 -0.53 3.31
CA ILE A 233 -28.53 -0.89 1.97
C ILE A 233 -29.48 -0.17 1.08
N GLU A 234 -29.16 -0.09 -0.20
CA GLU A 234 -30.04 0.58 -1.13
C GLU A 234 -30.52 -0.44 -2.13
N ASP A 235 -31.71 -0.22 -2.66
CA ASP A 235 -32.30 -1.10 -3.66
C ASP A 235 -31.54 -1.03 -5.00
N PRO A 236 -30.61 -1.96 -5.21
CA PRO A 236 -29.84 -1.94 -6.46
C PRO A 236 -30.76 -2.10 -7.64
N GLU A 237 -32.05 -2.17 -7.36
CA GLU A 237 -33.04 -2.31 -8.42
C GLU A 237 -33.71 -0.96 -8.71
N ASP A 238 -33.16 0.09 -8.08
CA ASP A 238 -33.64 1.45 -8.27
C ASP A 238 -32.77 2.01 -9.39
N GLN A 239 -33.32 2.95 -10.14
CA GLN A 239 -32.58 3.53 -11.26
C GLN A 239 -32.66 5.04 -11.34
N LYS A 240 -31.52 5.66 -11.60
CA LYS A 240 -31.53 7.08 -11.75
C LYS A 240 -32.35 7.30 -13.00
N PRO A 241 -33.54 7.89 -12.89
CA PRO A 241 -34.26 8.07 -14.15
C PRO A 241 -33.49 9.00 -15.10
N GLU A 242 -33.82 8.95 -16.38
CA GLU A 242 -33.15 9.80 -17.36
C GLU A 242 -33.59 11.26 -17.23
N ASP A 243 -34.81 11.49 -16.78
CA ASP A 243 -35.34 12.85 -16.61
C ASP A 243 -34.69 13.55 -15.42
N TRP A 244 -33.92 12.79 -14.64
CA TRP A 244 -33.25 13.32 -13.46
C TRP A 244 -31.94 14.02 -13.80
N ASP A 245 -31.98 15.35 -13.73
CA ASP A 245 -30.87 16.23 -14.05
C ASP A 245 -29.98 16.48 -12.86
N GLU A 246 -28.79 15.91 -12.83
CA GLU A 246 -27.88 16.17 -11.71
C GLU A 246 -26.81 17.15 -12.20
N ARG A 247 -27.20 18.19 -12.93
CA ARG A 247 -26.18 19.09 -13.43
C ARG A 247 -26.26 20.48 -12.79
N PRO A 248 -25.42 20.73 -11.80
CA PRO A 248 -25.42 22.03 -11.15
C PRO A 248 -25.62 23.16 -12.14
N LYS A 249 -24.53 23.61 -12.74
CA LYS A 249 -24.62 24.69 -13.71
C LYS A 249 -24.80 24.15 -15.11
N ILE A 250 -25.13 25.06 -16.02
CA ILE A 250 -25.33 24.74 -17.42
C ILE A 250 -25.10 26.02 -18.20
N PRO A 251 -24.92 25.88 -19.52
CA PRO A 251 -24.69 27.03 -20.39
C PRO A 251 -25.91 27.91 -20.45
N ASP A 252 -25.71 29.21 -20.31
CA ASP A 252 -26.83 30.13 -20.38
C ASP A 252 -27.43 29.96 -21.76
N PRO A 253 -28.62 29.35 -21.87
CA PRO A 253 -29.21 29.18 -23.20
C PRO A 253 -29.50 30.49 -23.92
N ASP A 254 -29.18 31.62 -23.29
CA ASP A 254 -29.42 32.93 -23.90
C ASP A 254 -28.20 33.43 -24.69
N ALA A 255 -27.06 33.49 -24.02
CA ALA A 255 -25.84 33.93 -24.66
C ALA A 255 -25.67 33.07 -25.92
N VAL A 256 -25.17 33.67 -26.98
CA VAL A 256 -24.96 32.96 -28.24
C VAL A 256 -23.60 33.29 -28.86
N LYS A 257 -23.02 32.29 -29.52
CA LYS A 257 -21.73 32.46 -30.17
C LYS A 257 -21.73 33.63 -31.14
N PRO A 258 -20.92 34.67 -30.86
CA PRO A 258 -20.86 35.85 -31.74
C PRO A 258 -20.22 35.60 -33.11
N ASP A 259 -20.75 36.31 -34.10
CA ASP A 259 -20.31 36.25 -35.49
C ASP A 259 -18.81 36.35 -35.71
N ASP A 260 -18.16 37.28 -35.01
CA ASP A 260 -16.71 37.47 -35.14
C ASP A 260 -15.99 36.24 -34.61
N TRP A 261 -16.67 35.47 -33.78
CA TRP A 261 -16.07 34.28 -33.21
C TRP A 261 -16.02 33.19 -34.27
N ASN A 262 -15.18 33.37 -35.27
CA ASN A 262 -15.08 32.33 -36.27
C ASN A 262 -14.40 31.20 -35.50
N GLU A 263 -15.09 30.08 -35.40
CA GLU A 263 -14.60 28.94 -34.65
C GLU A 263 -13.81 27.98 -35.52
N ASP A 264 -13.83 28.22 -36.83
CA ASP A 264 -13.10 27.33 -37.73
C ASP A 264 -11.67 27.80 -37.97
N ALA A 265 -11.31 28.93 -37.38
CA ALA A 265 -9.98 29.50 -37.53
C ALA A 265 -8.95 28.73 -36.73
N PRO A 266 -7.90 28.21 -37.39
CA PRO A 266 -6.83 27.42 -36.78
C PRO A 266 -6.03 28.25 -35.77
N ALA A 267 -5.25 27.56 -34.95
CA ALA A 267 -4.46 28.25 -33.97
C ALA A 267 -3.17 28.64 -34.65
N LYS A 268 -2.90 28.04 -35.79
CA LYS A 268 -1.68 28.36 -36.50
C LYS A 268 -1.88 28.55 -38.02
N ILE A 269 -1.24 29.58 -38.54
CA ILE A 269 -1.30 29.90 -39.97
C ILE A 269 0.13 30.20 -40.38
N PRO A 270 0.52 29.77 -41.57
CA PRO A 270 1.88 30.01 -42.05
C PRO A 270 2.42 31.44 -42.02
N ASP A 271 3.74 31.59 -42.12
CA ASP A 271 4.36 32.91 -42.14
C ASP A 271 4.69 33.19 -43.58
N GLU A 272 3.86 33.97 -44.24
CA GLU A 272 4.11 34.26 -45.63
C GLU A 272 5.25 35.26 -45.70
N GLU A 273 5.77 35.61 -44.53
CA GLU A 273 6.89 36.54 -44.45
C GLU A 273 8.14 35.72 -44.58
N ALA A 274 8.05 34.44 -44.21
CA ALA A 274 9.20 33.56 -44.26
C ALA A 274 9.58 33.15 -45.66
N THR A 275 10.78 32.56 -45.78
CA THR A 275 11.29 32.10 -47.06
C THR A 275 12.14 30.84 -46.90
N LYS A 276 12.18 30.05 -47.97
CA LYS A 276 12.93 28.83 -47.90
C LYS A 276 14.41 29.11 -48.07
N PRO A 277 15.23 28.75 -47.07
CA PRO A 277 16.67 28.98 -47.19
C PRO A 277 17.14 28.58 -48.57
N ASP A 278 18.36 28.92 -48.93
CA ASP A 278 18.83 28.60 -50.28
C ASP A 278 19.50 27.26 -50.49
N GLY A 279 20.43 26.89 -49.61
CA GLY A 279 21.09 25.61 -49.77
C GLY A 279 20.16 24.47 -49.36
N TRP A 280 18.85 24.70 -49.42
CA TRP A 280 17.88 23.68 -49.04
C TRP A 280 17.77 22.61 -50.13
N LEU A 281 17.83 21.36 -49.70
CA LEU A 281 17.76 20.22 -50.61
C LEU A 281 16.34 19.69 -50.67
N ASP A 282 15.64 20.01 -51.75
CA ASP A 282 14.27 19.58 -51.92
C ASP A 282 14.19 18.12 -52.27
N ASP A 283 15.25 17.63 -52.91
CA ASP A 283 15.31 16.24 -53.33
C ASP A 283 15.95 15.33 -52.29
N GLU A 284 16.75 15.89 -51.41
CA GLU A 284 17.41 15.09 -50.38
C GLU A 284 16.44 14.73 -49.27
N PRO A 285 16.01 13.46 -49.25
CA PRO A 285 15.08 12.77 -48.33
C PRO A 285 15.40 12.80 -46.86
N GLU A 286 14.69 13.66 -46.15
CA GLU A 286 14.82 13.84 -44.70
C GLU A 286 15.69 12.75 -44.09
N TYR A 287 15.07 11.59 -43.88
CA TYR A 287 15.76 10.46 -43.32
C TYR A 287 16.05 9.39 -44.33
N VAL A 288 16.93 8.50 -43.93
CA VAL A 288 17.32 7.40 -44.78
C VAL A 288 17.30 6.14 -43.95
N PRO A 289 17.11 4.99 -44.60
CA PRO A 289 17.08 3.68 -43.97
C PRO A 289 18.51 3.36 -43.53
N ASP A 290 18.65 2.91 -42.29
CA ASP A 290 19.97 2.60 -41.77
C ASP A 290 20.72 1.46 -42.48
N PRO A 291 22.06 1.59 -42.57
CA PRO A 291 22.99 0.64 -43.20
C PRO A 291 23.35 -0.44 -42.18
N ASP A 292 22.32 -1.08 -41.66
CA ASP A 292 22.43 -2.14 -40.66
C ASP A 292 21.09 -2.86 -40.74
N ALA A 293 20.33 -2.48 -41.76
CA ALA A 293 19.02 -3.03 -42.03
C ALA A 293 19.08 -4.55 -42.14
N GLU A 294 18.91 -5.24 -41.02
CA GLU A 294 18.96 -6.69 -41.02
C GLU A 294 17.97 -7.27 -40.02
N LYS A 295 16.80 -7.67 -40.50
CA LYS A 295 15.78 -8.26 -39.64
C LYS A 295 16.32 -9.56 -39.05
N PRO A 296 16.73 -9.52 -37.77
CA PRO A 296 17.27 -10.70 -37.08
C PRO A 296 16.69 -12.01 -37.59
N GLU A 297 17.57 -12.98 -37.82
CA GLU A 297 17.13 -14.28 -38.32
C GLU A 297 16.32 -14.95 -37.20
N ASP A 298 15.98 -14.12 -36.21
CA ASP A 298 15.21 -14.54 -35.06
C ASP A 298 13.81 -13.92 -35.18
N TRP A 299 13.64 -13.14 -36.25
CA TRP A 299 12.39 -12.43 -36.54
C TRP A 299 11.37 -13.32 -37.25
N ASP A 300 10.11 -13.18 -36.86
CA ASP A 300 9.05 -13.97 -37.46
C ASP A 300 7.96 -13.11 -38.09
N GLU A 301 8.26 -12.56 -39.26
CA GLU A 301 7.33 -11.70 -39.97
C GLU A 301 5.89 -12.21 -39.75
N ASP A 302 5.77 -13.52 -39.68
CA ASP A 302 4.49 -14.20 -39.49
C ASP A 302 3.66 -13.49 -38.44
N MET A 303 4.33 -12.72 -37.59
CA MET A 303 3.68 -11.94 -36.53
C MET A 303 4.58 -11.35 -35.45
N ASP A 304 5.90 -11.52 -35.56
CA ASP A 304 6.78 -10.91 -34.56
C ASP A 304 6.65 -9.47 -35.01
N GLY A 305 5.67 -9.26 -35.90
CA GLY A 305 5.39 -7.95 -36.46
C GLY A 305 5.54 -7.99 -37.96
N GLU A 306 6.30 -7.04 -38.51
CA GLU A 306 6.58 -6.91 -39.95
C GLU A 306 7.80 -5.98 -40.10
N TRP A 307 9.00 -6.54 -40.04
CA TRP A 307 10.22 -5.76 -40.11
C TRP A 307 10.19 -4.55 -40.99
N GLU A 308 10.92 -3.54 -40.54
CA GLU A 308 11.08 -2.26 -41.21
C GLU A 308 12.40 -1.77 -40.68
N ALA A 309 13.35 -1.47 -41.57
CA ALA A 309 14.66 -0.99 -41.15
C ALA A 309 14.59 0.40 -40.55
N PRO A 310 15.00 0.55 -39.28
CA PRO A 310 14.97 1.84 -38.62
C PRO A 310 15.57 2.92 -39.50
N GLN A 311 14.97 4.11 -39.47
CA GLN A 311 15.46 5.23 -40.25
C GLN A 311 16.65 5.74 -39.49
N ILE A 312 17.62 6.28 -40.22
CA ILE A 312 18.85 6.81 -39.62
C ILE A 312 18.80 8.33 -39.59
N ALA A 313 19.29 8.95 -40.66
CA ALA A 313 19.33 10.41 -40.78
C ALA A 313 20.27 10.83 -41.90
N ASN A 314 19.76 10.85 -43.13
CA ASN A 314 20.54 11.24 -44.30
C ASN A 314 21.60 12.29 -43.97
N PRO A 315 22.88 11.86 -43.95
CA PRO A 315 24.06 12.67 -43.65
C PRO A 315 24.32 13.79 -44.64
N LYS A 316 23.98 13.55 -45.90
CA LYS A 316 24.17 14.56 -46.93
C LYS A 316 23.62 15.88 -46.42
N CYS A 317 22.57 15.77 -45.62
CA CYS A 317 21.91 16.93 -45.05
C CYS A 317 22.72 17.59 -43.94
N GLU A 318 23.50 16.80 -43.20
CA GLU A 318 24.29 17.33 -42.09
C GLU A 318 24.90 18.69 -42.44
N SER A 319 25.51 18.76 -43.61
CA SER A 319 26.16 19.98 -44.06
C SER A 319 25.23 20.83 -44.92
N ALA A 320 23.93 20.76 -44.65
CA ALA A 320 22.95 21.51 -45.43
C ALA A 320 21.87 22.23 -44.60
N PRO A 321 21.26 23.27 -45.21
CA PRO A 321 20.21 24.10 -44.61
C PRO A 321 19.03 23.26 -44.16
N GLY A 322 18.51 22.46 -45.09
CA GLY A 322 17.39 21.60 -44.79
C GLY A 322 17.27 20.49 -45.82
N CYS A 323 16.38 19.53 -45.56
CA CYS A 323 16.19 18.41 -46.48
C CYS A 323 14.74 18.00 -46.75
N GLY A 324 14.50 17.57 -47.98
CA GLY A 324 13.17 17.14 -48.34
C GLY A 324 12.17 18.27 -48.46
N VAL A 325 10.90 17.91 -48.45
CA VAL A 325 9.81 18.86 -48.58
C VAL A 325 9.92 19.95 -47.53
N TRP A 326 9.74 21.20 -47.94
CA TRP A 326 9.83 22.33 -47.03
C TRP A 326 8.52 22.50 -46.32
N GLN A 327 8.56 23.17 -45.18
CA GLN A 327 7.37 23.41 -44.40
C GLN A 327 7.41 24.86 -44.01
N ARG A 328 6.59 25.69 -44.61
CA ARG A 328 6.61 27.07 -44.24
C ARG A 328 6.24 27.11 -42.76
N PRO A 329 7.14 27.57 -41.92
CA PRO A 329 6.88 27.65 -40.49
C PRO A 329 5.59 28.37 -40.19
N MET A 330 4.88 27.95 -39.15
CA MET A 330 3.62 28.56 -38.80
C MET A 330 3.89 29.57 -37.72
N ILE A 331 3.12 30.65 -37.69
CA ILE A 331 3.23 31.68 -36.69
C ILE A 331 1.88 31.51 -36.03
N ASP A 332 1.64 32.17 -34.91
CA ASP A 332 0.35 32.02 -34.26
C ASP A 332 -0.63 32.63 -35.19
N ASN A 333 -1.91 32.39 -34.95
CA ASN A 333 -2.94 32.95 -35.81
C ASN A 333 -3.75 34.02 -35.11
N PRO A 334 -3.76 35.23 -35.64
CA PRO A 334 -4.48 36.36 -35.08
C PRO A 334 -5.95 36.15 -34.82
N ASN A 335 -6.66 35.52 -35.74
CA ASN A 335 -8.08 35.34 -35.59
C ASN A 335 -8.53 34.05 -34.95
N TYR A 336 -7.58 33.28 -34.40
CA TYR A 336 -7.95 32.04 -33.74
C TYR A 336 -8.87 32.45 -32.63
N LYS A 337 -9.81 31.59 -32.27
CA LYS A 337 -10.72 31.92 -31.19
C LYS A 337 -10.87 30.81 -30.17
N GLY A 338 -11.15 29.60 -30.66
CA GLY A 338 -11.32 28.48 -29.76
C GLY A 338 -12.55 27.64 -30.02
N LYS A 339 -13.64 27.99 -29.35
CA LYS A 339 -14.93 27.31 -29.48
C LYS A 339 -15.87 28.09 -28.57
N TRP A 340 -17.15 28.15 -28.90
CA TRP A 340 -18.07 28.92 -28.07
C TRP A 340 -18.03 28.59 -26.59
N LYS A 341 -17.62 29.58 -25.79
CA LYS A 341 -17.55 29.44 -24.35
C LYS A 341 -18.79 30.09 -23.72
N PRO A 342 -19.97 29.43 -23.85
CA PRO A 342 -21.19 30.00 -23.28
C PRO A 342 -21.01 30.07 -21.78
N PRO A 343 -21.53 31.13 -21.15
CA PRO A 343 -21.37 31.21 -19.70
C PRO A 343 -22.13 30.11 -19.01
N MET A 344 -21.76 29.81 -17.76
CA MET A 344 -22.47 28.79 -17.01
C MET A 344 -23.46 29.49 -16.10
N ILE A 345 -24.55 28.82 -15.82
CA ILE A 345 -25.56 29.39 -14.96
C ILE A 345 -26.18 28.23 -14.20
N ASP A 346 -26.71 28.51 -13.02
CA ASP A 346 -27.30 27.44 -12.21
C ASP A 346 -28.41 26.75 -13.05
N ASN A 347 -28.63 25.45 -12.84
CA ASN A 347 -29.64 24.69 -13.59
C ASN A 347 -30.96 24.46 -12.85
N PRO A 348 -31.84 25.48 -12.85
CA PRO A 348 -33.16 25.56 -12.23
C PRO A 348 -33.84 24.26 -11.92
N ASN A 349 -33.31 23.19 -12.51
CA ASN A 349 -33.89 21.89 -12.31
C ASN A 349 -32.91 20.86 -11.83
N TYR A 350 -31.76 21.31 -11.35
CA TYR A 350 -30.77 20.39 -10.84
C TYR A 350 -31.28 19.62 -9.62
N GLN A 351 -32.17 18.67 -9.85
CA GLN A 351 -32.69 17.87 -8.74
C GLN A 351 -31.47 17.15 -8.20
N GLY A 352 -30.87 17.72 -7.16
CA GLY A 352 -29.68 17.18 -6.53
C GLY A 352 -29.22 15.79 -6.91
N ILE A 353 -27.91 15.57 -6.91
CA ILE A 353 -27.37 14.27 -7.25
C ILE A 353 -28.22 13.17 -6.65
N TRP A 354 -28.82 12.40 -7.55
CA TRP A 354 -29.71 11.28 -7.26
C TRP A 354 -29.04 10.13 -6.50
N LYS A 355 -29.86 9.32 -5.84
CA LYS A 355 -29.36 8.21 -5.06
C LYS A 355 -30.39 7.09 -4.89
N PRO A 356 -29.93 5.85 -4.71
CA PRO A 356 -30.80 4.68 -4.54
C PRO A 356 -31.63 4.86 -3.29
N ARG A 357 -32.90 4.46 -3.35
CA ARG A 357 -33.80 4.60 -2.21
C ARG A 357 -33.55 3.53 -1.14
N LYS A 358 -32.67 3.86 -0.18
CA LYS A 358 -32.32 2.98 0.92
C LYS A 358 -33.42 1.98 1.32
N ILE A 359 -33.23 0.71 0.99
CA ILE A 359 -34.19 -0.38 1.28
C ILE A 359 -33.54 -1.46 2.14
N PRO A 360 -34.03 -1.63 3.39
CA PRO A 360 -33.68 -2.54 4.49
C PRO A 360 -32.34 -3.27 4.52
N ASN A 361 -32.05 -3.93 5.64
CA ASN A 361 -30.80 -4.66 5.80
C ASN A 361 -31.03 -6.14 6.13
N PRO A 362 -30.90 -7.03 5.11
CA PRO A 362 -31.09 -8.47 5.30
C PRO A 362 -29.99 -9.08 6.17
N ASP A 363 -28.76 -8.95 5.72
CA ASP A 363 -27.61 -9.48 6.44
C ASP A 363 -27.34 -8.64 7.67
N PHE A 364 -28.36 -7.91 8.11
CA PHE A 364 -28.25 -7.04 9.28
C PHE A 364 -27.81 -7.88 10.46
N PHE A 365 -26.62 -7.62 10.97
CA PHE A 365 -26.08 -8.37 12.10
C PHE A 365 -26.10 -7.55 13.38
N GLU A 366 -24.99 -7.59 14.13
CA GLU A 366 -24.90 -6.86 15.39
C GLU A 366 -23.49 -6.66 15.98
N ASP A 367 -23.36 -5.58 16.75
CA ASP A 367 -22.11 -5.22 17.43
C ASP A 367 -22.13 -5.75 18.86
N LEU A 368 -21.64 -6.96 19.02
CA LEU A 368 -21.58 -7.58 20.34
C LEU A 368 -20.54 -6.86 21.19
N GLU A 369 -19.71 -7.65 21.85
CA GLU A 369 -18.63 -7.11 22.66
C GLU A 369 -17.39 -7.55 21.88
N PRO A 370 -17.34 -7.22 20.56
CA PRO A 370 -16.29 -7.51 19.57
C PRO A 370 -15.06 -8.14 20.11
N PHE A 371 -14.52 -7.55 21.15
CA PHE A 371 -13.32 -8.06 21.79
C PHE A 371 -13.33 -9.57 21.94
N LYS A 372 -14.52 -10.15 21.80
CA LYS A 372 -14.67 -11.58 21.90
C LYS A 372 -14.45 -12.15 20.52
N MET A 373 -13.20 -12.06 20.07
CA MET A 373 -12.83 -12.58 18.76
C MET A 373 -12.19 -13.96 18.97
N THR A 374 -12.21 -14.77 17.92
CA THR A 374 -11.62 -16.11 17.95
C THR A 374 -10.21 -16.06 18.54
N PRO A 375 -9.86 -17.02 19.41
CA PRO A 375 -8.55 -17.04 20.04
C PRO A 375 -7.46 -17.47 19.07
N PHE A 376 -6.22 -17.14 19.39
CA PHE A 376 -5.12 -17.51 18.54
C PHE A 376 -4.18 -18.40 19.30
N SER A 377 -3.28 -19.07 18.60
CA SER A 377 -2.36 -19.96 19.28
C SER A 377 -0.94 -19.77 18.84
N ALA A 378 -0.71 -18.92 17.86
CA ALA A 378 0.62 -18.71 17.41
C ALA A 378 0.80 -17.29 16.91
N ILE A 379 2.05 -16.87 16.86
CA ILE A 379 2.41 -15.55 16.42
C ILE A 379 3.35 -15.86 15.29
N GLY A 380 3.09 -15.32 14.10
CA GLY A 380 3.95 -15.59 12.98
C GLY A 380 4.23 -14.33 12.18
N LEU A 381 4.91 -14.47 11.05
CA LEU A 381 5.28 -13.37 10.17
C LEU A 381 5.33 -13.71 8.67
N GLU A 382 4.29 -13.39 7.90
CA GLU A 382 4.32 -13.64 6.47
C GLU A 382 4.55 -12.27 5.91
N LEU A 383 5.82 -11.94 5.72
CA LEU A 383 6.15 -10.61 5.24
C LEU A 383 6.72 -10.52 3.82
N TRP A 384 6.22 -9.55 3.06
CA TRP A 384 6.70 -9.33 1.70
C TRP A 384 8.11 -8.79 1.84
N SER A 385 8.22 -7.50 2.10
CA SER A 385 9.50 -6.81 2.27
C SER A 385 10.15 -6.33 0.98
N MET A 386 11.41 -5.94 1.11
CA MET A 386 12.18 -5.43 -0.01
C MET A 386 13.64 -5.45 0.37
N THR A 387 13.97 -4.81 1.47
CA THR A 387 15.35 -4.77 1.91
C THR A 387 15.58 -5.78 3.02
N SER A 388 16.84 -6.15 3.23
CA SER A 388 17.21 -7.14 4.23
C SER A 388 17.39 -6.51 5.59
N ASP A 389 18.22 -7.16 6.40
CA ASP A 389 18.56 -6.71 7.73
C ASP A 389 17.47 -6.17 8.64
N ILE A 390 16.21 -6.57 8.43
CA ILE A 390 15.16 -6.10 9.34
C ILE A 390 15.35 -6.74 10.70
N PHE A 391 15.31 -5.95 11.76
CA PHE A 391 15.52 -6.51 13.08
C PHE A 391 14.29 -6.74 13.97
N PHE A 392 14.04 -8.00 14.32
CA PHE A 392 12.92 -8.29 15.19
C PHE A 392 13.48 -8.75 16.51
N ASP A 393 12.72 -8.55 17.59
CA ASP A 393 13.20 -8.90 18.90
C ASP A 393 12.11 -8.77 19.95
N ASN A 394 12.44 -9.09 21.19
CA ASN A 394 11.55 -8.98 22.33
C ASN A 394 10.11 -9.33 22.14
N PHE A 395 9.79 -10.29 21.31
CA PHE A 395 8.39 -10.63 21.15
C PHE A 395 7.80 -10.98 22.51
N ILE A 396 6.83 -10.21 22.98
CA ILE A 396 6.17 -10.49 24.26
C ILE A 396 4.65 -10.33 24.10
N VAL A 397 3.90 -11.23 24.75
CA VAL A 397 2.43 -11.24 24.69
C VAL A 397 1.82 -11.55 26.07
N CYS A 398 1.36 -10.53 26.79
CA CYS A 398 0.76 -10.75 28.09
C CYS A 398 -0.61 -10.06 28.18
N GLY A 399 -1.36 -10.33 29.25
CA GLY A 399 -2.66 -9.69 29.42
C GLY A 399 -2.60 -8.50 30.38
N ASP A 400 -1.59 -8.50 31.25
CA ASP A 400 -1.40 -7.44 32.24
C ASP A 400 -0.60 -6.30 31.62
N ARG A 401 -0.84 -5.07 32.06
CA ARG A 401 -0.13 -3.91 31.50
C ARG A 401 1.26 -3.69 32.11
N ARG A 402 1.38 -3.94 33.41
CA ARG A 402 2.64 -3.78 34.12
C ARG A 402 3.58 -4.87 33.67
N VAL A 403 3.15 -6.12 33.83
CA VAL A 403 3.94 -7.27 33.44
C VAL A 403 4.55 -7.03 32.08
N VAL A 404 3.89 -6.20 31.29
CA VAL A 404 4.36 -5.87 29.96
C VAL A 404 5.22 -4.61 29.98
N ASP A 405 4.83 -3.64 30.80
CA ASP A 405 5.58 -2.40 30.90
C ASP A 405 6.98 -2.63 31.44
N ASP A 406 7.18 -3.74 32.14
CA ASP A 406 8.50 -4.06 32.66
C ASP A 406 9.37 -4.70 31.57
N TRP A 407 8.94 -5.86 31.06
CA TRP A 407 9.69 -6.54 30.00
C TRP A 407 10.11 -5.53 28.94
N ALA A 408 9.43 -4.38 28.93
CA ALA A 408 9.71 -3.31 27.99
C ALA A 408 10.93 -2.52 28.45
N ASN A 409 10.83 -1.90 29.62
CA ASN A 409 11.94 -1.12 30.15
C ASN A 409 13.12 -2.04 30.35
N ASP A 410 12.84 -3.33 30.42
CA ASP A 410 13.89 -4.32 30.58
C ASP A 410 14.56 -4.43 29.23
N GLY A 411 13.81 -4.91 28.24
CA GLY A 411 14.34 -5.06 26.90
C GLY A 411 14.67 -3.74 26.25
N TRP A 412 13.76 -3.25 25.41
CA TRP A 412 13.94 -1.98 24.70
C TRP A 412 14.55 -0.87 25.56
N GLY A 413 14.00 -0.68 26.75
CA GLY A 413 14.50 0.37 27.64
C GLY A 413 16.02 0.38 27.81
N LEU A 414 16.65 -0.72 27.39
CA LEU A 414 18.10 -0.88 27.47
C LEU A 414 18.78 -0.60 26.12
#